data_4NC3
#
_entry.id   4NC3
#
_cell.length_a   61.500
_cell.length_b   122.200
_cell.length_c   168.500
_cell.angle_alpha   90.00
_cell.angle_beta   90.00
_cell.angle_gamma   90.00
#
_symmetry.space_group_name_H-M   'C 2 2 21'
#
loop_
_entity.id
_entity.type
_entity.pdbx_description
1 polymer 'Chimera protein of human 5-hydroxytryptamine receptor 2B and E. Coli soluble cytochrome b562'
2 non-polymer 'PALMITIC ACID'
3 non-polymer Ergotamine
4 non-polymer CHOLESTEROL
5 non-polymer '(2R)-2,3-dihydroxypropyl (9Z)-octadec-9-enoate'
6 non-polymer DI(HYDROXYETHYL)ETHER
7 non-polymer 2-AMINO-2-HYDROXYMETHYL-PROPANE-1,3-DIOL
8 non-polymer 'OLEIC ACID'
9 non-polymer 'DIACYL GLYCEROL'
10 water water
#
_entity_poly.entity_id   1
_entity_poly.type   'polypeptide(L)'
_entity_poly.pdbx_seq_one_letter_code
;DYKDDDDGAPTESIPEEMKQIVEEQGNKLHWAALLILMVIIPTIGGNTLVILAVSLEKKLQYATNYFLMSLAVADLLVGL
FVMPIALLTIMFEAMWPLPLVLCPAWLFLDVLFSTASIWHLCAISVDRYIAIKKPIQANQYNSRATAFIKITVVWLISIG
IAIPVPIKGIETDVDNPNNITCVLTKERFGDFMLFGSLAAFFTPLAIMIVTYFLTIHALQKKAADLEDNWETLNDNLKVI
EKADNAAQVKDALTKMRAAALDAQKATPPKLEDKSPDSPEMKDFRHGFDILVGQIDDALKLANEGKVKEAQAAAEQLKTT
RNAYIQKYLQTISNEQRASKVLGIVFFLFLLMWCPFFITNITLVLCDSCNQTTLQMLLEIFVWIGYVSSGVNPLVYTLFN
KTFRDAFGRYITCNYRATKSVGRPLEVLFQ
;
_entity_poly.pdbx_strand_id   A
#
loop_
_chem_comp.id
_chem_comp.type
_chem_comp.name
_chem_comp.formula
CLR non-polymer CHOLESTEROL 'C27 H46 O'
DGA non-polymer 'DIACYL GLYCEROL' 'C39 H76 O5'
ERM non-polymer Ergotamine 'C33 H35 N5 O5'
OLA non-polymer 'OLEIC ACID' 'C18 H34 O2'
OLC non-polymer '(2R)-2,3-dihydroxypropyl (9Z)-octadec-9-enoate' 'C21 H40 O4'
PEG non-polymer DI(HYDROXYETHYL)ETHER 'C4 H10 O3'
PLM non-polymer 'PALMITIC ACID' 'C16 H32 O2'
TRS non-polymer 2-AMINO-2-HYDROXYMETHYL-PROPANE-1,3-DIOL 'C4 H12 N O3 1'
#
# COMPACT_ATOMS: atom_id res chain seq x y z
N GLU A 23 -32.63 -20.58 -30.52
CA GLU A 23 -31.56 -19.77 -29.95
C GLU A 23 -31.74 -19.65 -28.43
N GLU A 24 -30.66 -19.92 -27.69
CA GLU A 24 -30.72 -19.87 -26.24
C GLU A 24 -29.36 -19.53 -25.63
N GLN A 25 -29.40 -19.05 -24.39
CA GLN A 25 -28.19 -18.68 -23.66
C GLN A 25 -27.15 -19.80 -23.65
N GLY A 26 -27.62 -21.05 -23.48
CA GLY A 26 -26.72 -22.19 -23.45
C GLY A 26 -26.42 -22.68 -22.05
N ASN A 27 -25.15 -23.03 -21.81
CA ASN A 27 -24.72 -23.54 -20.53
C ASN A 27 -23.36 -22.98 -20.15
N LYS A 28 -23.25 -22.45 -18.93
CA LYS A 28 -22.04 -21.74 -18.51
C LYS A 28 -21.31 -22.46 -17.37
N LEU A 29 -21.39 -23.78 -17.36
CA LEU A 29 -20.73 -24.58 -16.32
C LEU A 29 -19.21 -24.44 -16.40
N HIS A 30 -18.67 -24.43 -17.61
CA HIS A 30 -17.23 -24.35 -17.83
C HIS A 30 -16.66 -23.02 -17.35
N TRP A 31 -17.44 -21.95 -17.45
CA TRP A 31 -17.01 -20.66 -16.94
C TRP A 31 -16.98 -20.70 -15.41
N ALA A 32 -17.98 -21.34 -14.82
CA ALA A 32 -18.03 -21.48 -13.37
C ALA A 32 -16.84 -22.27 -12.87
N ALA A 33 -16.55 -23.39 -13.54
CA ALA A 33 -15.40 -24.20 -13.20
C ALA A 33 -14.13 -23.36 -13.30
N LEU A 34 -14.00 -22.62 -14.41
CA LEU A 34 -12.84 -21.79 -14.65
C LEU A 34 -12.63 -20.80 -13.50
N LEU A 35 -13.69 -20.11 -13.10
CA LEU A 35 -13.62 -19.10 -12.06
C LEU A 35 -13.24 -19.72 -10.71
N ILE A 36 -13.80 -20.89 -10.43
CA ILE A 36 -13.44 -21.62 -9.21
C ILE A 36 -11.95 -21.92 -9.20
N LEU A 37 -11.43 -22.30 -10.36
CA LEU A 37 -10.03 -22.69 -10.50
C LEU A 37 -9.06 -21.51 -10.39
N MET A 38 -9.32 -20.45 -11.15
CA MET A 38 -8.34 -19.37 -11.30
C MET A 38 -8.76 -18.05 -10.68
N VAL A 39 -9.64 -18.10 -9.68
CA VAL A 39 -10.03 -16.87 -8.99
C VAL A 39 -10.27 -17.12 -7.49
N ILE A 40 -11.19 -18.03 -7.19
CA ILE A 40 -11.58 -18.28 -5.81
C ILE A 40 -10.47 -18.98 -5.02
N ILE A 41 -9.93 -20.05 -5.58
CA ILE A 41 -8.87 -20.81 -4.91
C ILE A 41 -7.62 -19.96 -4.71
N PRO A 42 -7.15 -19.29 -5.78
CA PRO A 42 -6.02 -18.37 -5.61
C PRO A 42 -6.26 -17.35 -4.49
N THR A 43 -7.45 -16.74 -4.48
CA THR A 43 -7.78 -15.72 -3.49
C THR A 43 -7.71 -16.28 -2.08
N ILE A 44 -8.43 -17.37 -1.83
CA ILE A 44 -8.46 -17.98 -0.50
C ILE A 44 -7.08 -18.46 -0.08
N GLY A 45 -6.44 -19.25 -0.93
CA GLY A 45 -5.12 -19.76 -0.65
C GLY A 45 -4.12 -18.66 -0.35
N GLY A 46 -4.11 -17.63 -1.20
CA GLY A 46 -3.16 -16.54 -1.09
C GLY A 46 -3.32 -15.76 0.21
N ASN A 47 -4.54 -15.31 0.47
CA ASN A 47 -4.82 -14.53 1.67
C ASN A 47 -4.62 -15.36 2.94
N THR A 48 -4.95 -16.64 2.86
CA THR A 48 -4.71 -17.56 3.98
C THR A 48 -3.22 -17.60 4.30
N LEU A 49 -2.40 -17.72 3.25
CA LEU A 49 -0.95 -17.75 3.41
C LEU A 49 -0.43 -16.48 4.07
N VAL A 50 -0.94 -15.33 3.63
CA VAL A 50 -0.51 -14.05 4.19
C VAL A 50 -0.88 -13.96 5.66
N ILE A 51 -2.12 -14.35 5.99
CA ILE A 51 -2.60 -14.31 7.36
C ILE A 51 -1.74 -15.23 8.23
N LEU A 52 -1.49 -16.44 7.74
CA LEU A 52 -0.66 -17.40 8.45
C LEU A 52 0.74 -16.83 8.69
N ALA A 53 1.33 -16.28 7.64
CA ALA A 53 2.66 -15.71 7.71
C ALA A 53 2.76 -14.67 8.83
N VAL A 54 1.86 -13.69 8.81
CA VAL A 54 1.87 -12.62 9.80
C VAL A 54 1.58 -13.14 11.20
N SER A 55 0.71 -14.14 11.30
CA SER A 55 0.29 -14.68 12.59
C SER A 55 1.38 -15.53 13.24
N LEU A 56 2.10 -16.30 12.44
CA LEU A 56 3.08 -17.26 12.97
C LEU A 56 4.47 -16.65 13.16
N GLU A 57 4.93 -15.91 12.17
CA GLU A 57 6.29 -15.35 12.20
C GLU A 57 6.41 -14.18 13.18
N LYS A 58 7.26 -14.36 14.19
CA LYS A 58 7.55 -13.30 15.15
C LYS A 58 8.21 -12.11 14.47
N LYS A 59 9.10 -12.39 13.53
CA LYS A 59 9.84 -11.34 12.83
C LYS A 59 8.92 -10.41 12.06
N LEU A 60 7.77 -10.93 11.62
CA LEU A 60 6.86 -10.17 10.78
C LEU A 60 5.81 -9.40 11.58
N GLN A 61 5.82 -9.59 12.90
CA GLN A 61 4.80 -8.95 13.74
C GLN A 61 5.19 -7.54 14.17
N TYR A 62 5.19 -6.62 13.19
CA TYR A 62 5.38 -5.21 13.48
C TYR A 62 4.26 -4.39 12.84
N ALA A 63 4.16 -3.12 13.23
CA ALA A 63 3.01 -2.28 12.90
C ALA A 63 2.56 -2.37 11.45
N THR A 64 3.45 -2.02 10.52
CA THR A 64 3.05 -1.85 9.12
C THR A 64 2.48 -3.13 8.50
N ASN A 65 2.79 -4.28 9.07
CA ASN A 65 2.27 -5.55 8.55
C ASN A 65 0.84 -5.84 8.99
N TYR A 66 0.36 -5.07 9.96
CA TYR A 66 -1.01 -5.23 10.44
C TYR A 66 -2.01 -4.68 9.41
N PHE A 67 -1.56 -3.73 8.60
CA PHE A 67 -2.34 -3.31 7.44
C PHE A 67 -2.54 -4.51 6.53
N LEU A 68 -1.45 -5.17 6.18
CA LEU A 68 -1.49 -6.32 5.29
C LEU A 68 -2.42 -7.40 5.81
N MET A 69 -2.37 -7.66 7.11
CA MET A 69 -3.24 -8.67 7.71
C MET A 69 -4.70 -8.24 7.59
N SER A 70 -4.94 -6.95 7.76
CA SER A 70 -6.30 -6.41 7.67
C SER A 70 -6.81 -6.48 6.24
N LEU A 71 -5.92 -6.21 5.29
CA LEU A 71 -6.26 -6.27 3.87
C LEU A 71 -6.50 -7.73 3.47
N ALA A 72 -5.69 -8.62 4.01
CA ALA A 72 -5.78 -10.05 3.70
C ALA A 72 -7.13 -10.60 4.14
N VAL A 73 -7.57 -10.23 5.33
CA VAL A 73 -8.87 -10.66 5.84
C VAL A 73 -9.99 -10.16 4.94
N ALA A 74 -9.90 -8.90 4.52
CA ALA A 74 -10.90 -8.30 3.65
C ALA A 74 -11.00 -9.07 2.34
N ASP A 75 -9.85 -9.34 1.72
CA ASP A 75 -9.81 -10.09 0.46
C ASP A 75 -10.23 -11.53 0.67
N LEU A 76 -9.89 -12.09 1.83
CA LEU A 76 -10.27 -13.46 2.15
C LEU A 76 -11.78 -13.61 2.22
N LEU A 77 -12.44 -12.61 2.81
CA LEU A 77 -13.89 -12.66 3.01
C LEU A 77 -14.64 -12.52 1.70
N VAL A 78 -14.08 -11.77 0.76
CA VAL A 78 -14.66 -11.67 -0.57
C VAL A 78 -14.69 -13.06 -1.20
N GLY A 79 -13.61 -13.81 -1.02
CA GLY A 79 -13.50 -15.14 -1.58
C GLY A 79 -14.43 -16.16 -0.93
N LEU A 80 -14.73 -15.95 0.34
CA LEU A 80 -15.55 -16.89 1.09
C LEU A 80 -17.05 -16.63 0.94
N PHE A 81 -17.46 -15.37 1.07
CA PHE A 81 -18.87 -15.03 1.17
C PHE A 81 -19.44 -14.37 -0.08
N VAL A 82 -18.60 -13.66 -0.83
CA VAL A 82 -19.08 -12.88 -1.97
C VAL A 82 -18.99 -13.64 -3.30
N MET A 83 -17.81 -14.19 -3.60
CA MET A 83 -17.58 -14.81 -4.90
C MET A 83 -18.47 -16.02 -5.17
N PRO A 84 -18.60 -16.94 -4.20
CA PRO A 84 -19.41 -18.14 -4.42
C PRO A 84 -20.88 -17.83 -4.68
N ILE A 85 -21.40 -16.76 -4.09
CA ILE A 85 -22.77 -16.35 -4.34
C ILE A 85 -22.84 -15.71 -5.73
N ALA A 86 -21.85 -14.88 -6.04
CA ALA A 86 -21.73 -14.29 -7.38
C ALA A 86 -21.65 -15.42 -8.40
N LEU A 87 -21.02 -16.52 -8.00
CA LEU A 87 -20.85 -17.67 -8.87
C LEU A 87 -22.17 -18.42 -9.05
N LEU A 88 -22.96 -18.48 -7.99
CA LEU A 88 -24.29 -19.10 -8.07
C LEU A 88 -25.17 -18.32 -9.03
N THR A 89 -25.26 -17.01 -8.83
CA THR A 89 -26.10 -16.16 -9.68
C THR A 89 -25.78 -16.34 -11.16
N ILE A 90 -24.58 -16.85 -11.46
CA ILE A 90 -24.17 -17.03 -12.84
C ILE A 90 -24.79 -18.28 -13.46
N MET A 91 -24.99 -19.31 -12.63
CA MET A 91 -25.50 -20.60 -13.12
C MET A 91 -27.02 -20.75 -12.93
N PHE A 92 -27.69 -19.69 -12.49
CA PHE A 92 -29.13 -19.75 -12.30
C PHE A 92 -29.80 -18.47 -12.80
N GLU A 93 -29.24 -17.88 -13.86
CA GLU A 93 -29.82 -16.70 -14.47
C GLU A 93 -29.96 -15.55 -13.47
N ALA A 94 -30.83 -14.60 -13.80
CA ALA A 94 -31.07 -13.45 -12.93
C ALA A 94 -31.78 -13.86 -11.64
N MET A 95 -32.37 -15.06 -11.64
CA MET A 95 -33.11 -15.54 -10.48
C MET A 95 -32.22 -15.59 -9.23
N TRP A 96 -32.86 -15.49 -8.07
CA TRP A 96 -32.16 -15.53 -6.79
C TRP A 96 -32.61 -16.74 -5.99
N PRO A 97 -31.82 -17.82 -6.02
CA PRO A 97 -32.22 -19.08 -5.38
C PRO A 97 -32.25 -18.99 -3.85
N LEU A 98 -31.36 -18.20 -3.28
CA LEU A 98 -31.29 -18.03 -1.83
C LEU A 98 -32.46 -17.20 -1.32
N PRO A 99 -32.65 -17.18 0.01
CA PRO A 99 -33.65 -16.30 0.64
C PRO A 99 -33.44 -14.84 0.26
N LEU A 100 -34.53 -14.10 0.10
CA LEU A 100 -34.46 -12.71 -0.34
C LEU A 100 -33.57 -11.88 0.58
N VAL A 101 -33.62 -12.17 1.87
CA VAL A 101 -32.94 -11.35 2.86
C VAL A 101 -31.43 -11.34 2.65
N LEU A 102 -30.91 -12.40 2.05
CA LEU A 102 -29.47 -12.52 1.83
C LEU A 102 -29.00 -11.70 0.63
N CYS A 103 -29.95 -11.16 -0.12
CA CYS A 103 -29.62 -10.37 -1.31
C CYS A 103 -29.00 -9.02 -0.97
N PRO A 104 -29.69 -8.21 -0.16
CA PRO A 104 -29.08 -6.93 0.21
C PRO A 104 -27.83 -7.14 1.06
N ALA A 105 -27.80 -8.26 1.80
CA ALA A 105 -26.65 -8.58 2.64
C ALA A 105 -25.43 -8.89 1.78
N TRP A 106 -25.63 -9.72 0.76
CA TRP A 106 -24.55 -10.08 -0.14
C TRP A 106 -24.05 -8.84 -0.89
N LEU A 107 -24.97 -7.98 -1.29
CA LEU A 107 -24.62 -6.74 -1.97
C LEU A 107 -23.86 -5.81 -1.03
N PHE A 108 -24.22 -5.84 0.25
CA PHE A 108 -23.56 -5.02 1.25
C PHE A 108 -22.12 -5.48 1.47
N LEU A 109 -21.94 -6.76 1.74
CA LEU A 109 -20.62 -7.34 1.96
C LEU A 109 -19.74 -7.13 0.73
N ASP A 110 -20.32 -7.33 -0.44
CA ASP A 110 -19.58 -7.13 -1.68
C ASP A 110 -19.00 -5.72 -1.76
N VAL A 111 -19.87 -4.72 -1.67
CA VAL A 111 -19.45 -3.33 -1.75
C VAL A 111 -18.52 -2.98 -0.58
N LEU A 112 -18.80 -3.56 0.58
CA LEU A 112 -18.01 -3.30 1.78
C LEU A 112 -16.57 -3.77 1.61
N PHE A 113 -16.40 -5.08 1.42
CA PHE A 113 -15.08 -5.67 1.33
C PHE A 113 -14.30 -5.17 0.12
N SER A 114 -14.98 -5.02 -1.01
CA SER A 114 -14.34 -4.55 -2.24
C SER A 114 -13.77 -3.15 -2.05
N THR A 115 -14.54 -2.29 -1.41
CA THR A 115 -14.13 -0.92 -1.18
C THR A 115 -13.01 -0.85 -0.14
N ALA A 116 -13.08 -1.74 0.84
CA ALA A 116 -12.05 -1.80 1.88
C ALA A 116 -10.68 -2.14 1.31
N SER A 117 -10.64 -3.08 0.36
CA SER A 117 -9.37 -3.51 -0.21
C SER A 117 -8.70 -2.37 -0.97
N ILE A 118 -9.50 -1.49 -1.54
CA ILE A 118 -8.98 -0.36 -2.30
C ILE A 118 -8.46 0.71 -1.35
N TRP A 119 -9.27 1.05 -0.36
CA TRP A 119 -8.89 2.07 0.61
C TRP A 119 -7.73 1.63 1.48
N HIS A 120 -7.57 0.32 1.64
CA HIS A 120 -6.42 -0.21 2.37
C HIS A 120 -5.11 0.15 1.67
N LEU A 121 -5.09 -0.01 0.35
CA LEU A 121 -3.90 0.30 -0.44
C LEU A 121 -3.60 1.79 -0.43
N CYS A 122 -4.64 2.62 -0.28
CA CYS A 122 -4.46 4.06 -0.21
C CYS A 122 -3.81 4.42 1.13
N ALA A 123 -4.24 3.74 2.19
CA ALA A 123 -3.69 3.96 3.52
C ALA A 123 -2.23 3.54 3.58
N ILE A 124 -1.90 2.44 2.92
CA ILE A 124 -0.53 1.96 2.84
C ILE A 124 0.34 2.94 2.07
N SER A 125 -0.16 3.42 0.94
CA SER A 125 0.57 4.37 0.11
C SER A 125 0.99 5.60 0.89
N VAL A 126 0.02 6.21 1.58
CA VAL A 126 0.28 7.43 2.35
C VAL A 126 1.16 7.13 3.55
N ASP A 127 0.94 5.98 4.17
CA ASP A 127 1.73 5.58 5.33
C ASP A 127 3.20 5.46 4.94
N ARG A 128 3.46 4.90 3.77
CA ARG A 128 4.83 4.70 3.30
C ARG A 128 5.48 6.02 2.90
N TYR A 129 4.69 6.96 2.41
CA TYR A 129 5.22 8.27 2.05
C TYR A 129 5.71 8.99 3.30
N ILE A 130 4.87 9.02 4.33
CA ILE A 130 5.22 9.69 5.57
C ILE A 130 6.47 9.08 6.18
N ALA A 131 6.68 7.79 5.95
CA ALA A 131 7.85 7.10 6.46
C ALA A 131 9.12 7.67 5.82
N ILE A 132 9.07 7.88 4.51
CA ILE A 132 10.20 8.41 3.77
C ILE A 132 10.47 9.86 4.16
N LYS A 133 9.41 10.68 4.14
CA LYS A 133 9.53 12.10 4.44
C LYS A 133 9.93 12.32 5.90
N LYS A 134 9.21 11.68 6.81
CA LYS A 134 9.47 11.81 8.23
C LYS A 134 10.06 10.53 8.80
N PRO A 135 11.40 10.39 8.70
CA PRO A 135 12.09 9.19 9.21
C PRO A 135 12.00 9.07 10.72
N ILE A 136 12.03 10.19 11.42
CA ILE A 136 11.92 10.20 12.88
C ILE A 136 10.51 9.85 13.31
N GLN A 137 10.32 9.64 14.61
CA GLN A 137 9.02 9.29 15.15
C GLN A 137 8.51 8.00 14.52
N ALA A 138 9.23 6.91 14.76
CA ALA A 138 8.86 5.61 14.23
C ALA A 138 8.84 4.55 15.33
N ASN A 139 8.43 4.96 16.53
CA ASN A 139 8.34 4.04 17.65
C ASN A 139 7.29 2.97 17.40
N GLN A 140 7.64 1.72 17.65
CA GLN A 140 6.73 0.60 17.43
C GLN A 140 5.51 0.75 18.34
N TYR A 141 5.74 1.10 19.59
CA TYR A 141 4.67 1.25 20.57
C TYR A 141 3.58 2.19 20.05
N ASN A 142 3.99 3.32 19.51
CA ASN A 142 3.04 4.27 18.92
C ASN A 142 2.53 3.80 17.57
N SER A 143 3.42 3.18 16.80
CA SER A 143 3.08 2.73 15.45
C SER A 143 1.93 1.71 15.49
N ARG A 144 1.90 0.88 16.53
CA ARG A 144 0.86 -0.13 16.66
C ARG A 144 -0.51 0.54 16.84
N ALA A 145 -0.60 1.43 17.81
CA ALA A 145 -1.82 2.17 18.05
C ALA A 145 -2.22 2.92 16.79
N THR A 146 -1.29 3.70 16.25
CA THR A 146 -1.54 4.51 15.07
C THR A 146 -2.04 3.63 13.93
N ALA A 147 -1.46 2.44 13.81
CA ALA A 147 -1.86 1.50 12.78
C ALA A 147 -3.31 1.09 12.99
N PHE A 148 -3.61 0.57 14.18
CA PHE A 148 -4.96 0.18 14.53
C PHE A 148 -5.96 1.28 14.22
N ILE A 149 -5.63 2.51 14.61
CA ILE A 149 -6.49 3.65 14.35
C ILE A 149 -6.75 3.80 12.85
N LYS A 150 -5.69 3.76 12.06
CA LYS A 150 -5.80 3.86 10.61
C LYS A 150 -6.66 2.73 10.05
N ILE A 151 -6.41 1.50 10.49
CA ILE A 151 -7.19 0.36 10.03
C ILE A 151 -8.67 0.63 10.28
N THR A 152 -8.97 1.04 11.50
CA THR A 152 -10.36 1.26 11.91
C THR A 152 -11.01 2.34 11.05
N VAL A 153 -10.27 3.42 10.80
CA VAL A 153 -10.77 4.49 9.96
C VAL A 153 -11.13 3.98 8.56
N VAL A 154 -10.24 3.16 8.00
CA VAL A 154 -10.47 2.59 6.67
C VAL A 154 -11.78 1.79 6.64
N TRP A 155 -11.97 0.96 7.65
CA TRP A 155 -13.17 0.14 7.75
C TRP A 155 -14.41 0.99 7.96
N LEU A 156 -14.25 2.10 8.68
CA LEU A 156 -15.35 3.03 8.89
C LEU A 156 -15.73 3.71 7.59
N ILE A 157 -14.73 4.11 6.81
CA ILE A 157 -14.97 4.71 5.51
C ILE A 157 -15.66 3.71 4.58
N SER A 158 -15.30 2.44 4.71
CA SER A 158 -15.88 1.40 3.87
C SER A 158 -17.33 1.14 4.23
N ILE A 159 -17.60 0.99 5.53
CA ILE A 159 -18.96 0.84 6.02
C ILE A 159 -19.81 2.02 5.58
N GLY A 160 -19.25 3.23 5.71
CA GLY A 160 -19.93 4.43 5.28
C GLY A 160 -20.36 4.37 3.83
N ILE A 161 -19.42 4.02 2.96
CA ILE A 161 -19.67 3.98 1.52
C ILE A 161 -20.68 2.88 1.14
N ALA A 162 -20.68 1.78 1.89
CA ALA A 162 -21.48 0.62 1.53
C ALA A 162 -22.88 0.64 2.16
N ILE A 163 -23.10 1.53 3.11
CA ILE A 163 -24.33 1.48 3.92
C ILE A 163 -25.62 1.84 3.17
N PRO A 164 -25.51 2.66 2.10
CA PRO A 164 -26.76 3.03 1.41
C PRO A 164 -27.52 1.82 0.86
N VAL A 165 -26.80 0.76 0.50
CA VAL A 165 -27.43 -0.40 -0.13
C VAL A 165 -28.51 -1.04 0.74
N PRO A 166 -28.15 -1.49 1.95
CA PRO A 166 -29.15 -2.10 2.83
C PRO A 166 -30.24 -1.14 3.28
N ILE A 167 -29.90 0.13 3.44
CA ILE A 167 -30.86 1.14 3.88
C ILE A 167 -31.91 1.39 2.81
N LYS A 168 -31.45 1.57 1.57
CA LYS A 168 -32.33 1.81 0.44
C LYS A 168 -33.17 0.57 0.17
N GLY A 169 -32.52 -0.60 0.26
CA GLY A 169 -33.18 -1.86 0.04
C GLY A 169 -33.43 -2.14 -1.43
N ILE A 170 -33.92 -3.34 -1.72
CA ILE A 170 -34.21 -3.73 -3.10
C ILE A 170 -35.71 -3.68 -3.37
N GLU A 171 -36.07 -3.30 -4.59
CA GLU A 171 -37.46 -3.18 -4.98
C GLU A 171 -38.15 -4.54 -4.92
N THR A 172 -39.09 -4.70 -4.00
CA THR A 172 -39.82 -5.95 -3.84
C THR A 172 -41.12 -5.93 -4.65
N VAL A 174 -43.66 -9.76 -5.98
CA VAL A 174 -44.23 -11.06 -5.62
C VAL A 174 -45.71 -11.12 -5.98
N ASP A 175 -46.08 -12.19 -6.70
CA ASP A 175 -47.47 -12.43 -7.05
C ASP A 175 -47.90 -13.76 -6.42
N ASN A 176 -47.67 -14.85 -7.14
CA ASN A 176 -47.87 -16.19 -6.58
C ASN A 176 -46.53 -16.79 -6.12
N PRO A 177 -45.53 -16.83 -7.02
CA PRO A 177 -44.17 -17.15 -6.57
C PRO A 177 -43.35 -15.89 -6.30
N ASN A 178 -42.04 -16.06 -6.15
CA ASN A 178 -41.14 -14.92 -6.00
C ASN A 178 -40.16 -14.84 -7.16
N ASN A 179 -40.39 -13.91 -8.08
CA ASN A 179 -39.53 -13.72 -9.23
C ASN A 179 -38.66 -12.48 -9.07
N ILE A 180 -37.86 -12.45 -7.99
CA ILE A 180 -37.01 -11.31 -7.69
C ILE A 180 -35.56 -11.57 -8.09
N THR A 181 -34.99 -10.62 -8.81
CA THR A 181 -33.60 -10.71 -9.24
C THR A 181 -32.70 -9.85 -8.36
N CYS A 182 -31.57 -10.41 -7.94
CA CYS A 182 -30.68 -9.73 -7.01
C CYS A 182 -29.69 -8.85 -7.76
N VAL A 183 -30.09 -7.60 -8.00
CA VAL A 183 -29.25 -6.66 -8.73
C VAL A 183 -29.65 -5.20 -8.47
N LEU A 184 -28.66 -4.31 -8.45
CA LEU A 184 -28.92 -2.89 -8.26
C LEU A 184 -29.39 -2.28 -9.58
N THR A 185 -30.49 -1.53 -9.53
CA THR A 185 -31.08 -0.96 -10.73
C THR A 185 -30.63 0.47 -10.96
N LYS A 186 -30.51 0.85 -12.23
CA LYS A 186 -30.11 2.20 -12.61
C LYS A 186 -31.15 3.22 -12.15
N GLU A 187 -32.37 2.75 -11.89
CA GLU A 187 -33.46 3.63 -11.49
C GLU A 187 -33.46 3.89 -9.99
N ARG A 188 -32.99 2.91 -9.23
CA ARG A 188 -33.02 2.96 -7.77
C ARG A 188 -31.65 3.32 -7.18
N PHE A 189 -30.59 3.00 -7.92
CA PHE A 189 -29.23 3.14 -7.40
C PHE A 189 -28.28 3.84 -8.37
N GLY A 190 -28.83 4.59 -9.33
CA GLY A 190 -28.00 5.29 -10.30
C GLY A 190 -27.04 6.26 -9.63
N ASP A 191 -27.55 7.03 -8.67
CA ASP A 191 -26.72 7.96 -7.89
C ASP A 191 -25.65 7.21 -7.11
N PHE A 192 -26.07 6.27 -6.28
CA PHE A 192 -25.15 5.47 -5.49
C PHE A 192 -24.04 4.89 -6.36
N MET A 193 -24.42 4.46 -7.56
CA MET A 193 -23.47 3.87 -8.49
C MET A 193 -22.46 4.93 -8.95
N LEU A 194 -22.95 6.14 -9.17
CA LEU A 194 -22.12 7.26 -9.60
C LEU A 194 -21.24 7.79 -8.48
N PHE A 195 -21.87 8.25 -7.40
CA PHE A 195 -21.15 8.83 -6.27
C PHE A 195 -20.40 7.75 -5.47
N GLY A 196 -20.96 6.55 -5.42
CA GLY A 196 -20.30 5.43 -4.78
C GLY A 196 -19.01 5.09 -5.50
N SER A 197 -19.06 5.11 -6.83
CA SER A 197 -17.87 4.89 -7.64
C SER A 197 -16.85 5.98 -7.39
N LEU A 198 -17.31 7.23 -7.35
CA LEU A 198 -16.45 8.37 -7.06
C LEU A 198 -15.82 8.24 -5.68
N ALA A 199 -16.57 7.67 -4.74
CA ALA A 199 -16.13 7.58 -3.35
C ALA A 199 -15.19 6.41 -3.11
N ALA A 200 -15.43 5.30 -3.80
CA ALA A 200 -14.72 4.06 -3.51
C ALA A 200 -13.46 3.84 -4.36
N PHE A 201 -13.40 4.49 -5.52
CA PHE A 201 -12.30 4.22 -6.46
C PHE A 201 -11.51 5.46 -6.86
N PHE A 202 -12.21 6.48 -7.36
CA PHE A 202 -11.52 7.63 -7.95
C PHE A 202 -10.86 8.55 -6.91
N THR A 203 -11.45 8.64 -5.72
CA THR A 203 -10.87 9.47 -4.66
C THR A 203 -9.52 8.93 -4.21
N PRO A 204 -9.48 7.65 -3.79
CA PRO A 204 -8.19 7.06 -3.40
C PRO A 204 -7.20 7.02 -4.56
N LEU A 205 -7.70 6.89 -5.78
CA LEU A 205 -6.84 6.91 -6.96
C LEU A 205 -6.13 8.26 -7.07
N ALA A 206 -6.90 9.34 -6.90
CA ALA A 206 -6.33 10.68 -6.92
C ALA A 206 -5.31 10.83 -5.80
N ILE A 207 -5.69 10.42 -4.60
CA ILE A 207 -4.81 10.50 -3.44
C ILE A 207 -3.49 9.75 -3.70
N MET A 208 -3.58 8.58 -4.31
CA MET A 208 -2.41 7.77 -4.58
C MET A 208 -1.54 8.38 -5.67
N ILE A 209 -2.16 9.09 -6.61
CA ILE A 209 -1.40 9.80 -7.63
C ILE A 209 -0.60 10.92 -6.98
N VAL A 210 -1.28 11.71 -6.14
CA VAL A 210 -0.62 12.79 -5.43
C VAL A 210 0.52 12.23 -4.58
N THR A 211 0.23 11.16 -3.85
CA THR A 211 1.23 10.53 -2.99
C THR A 211 2.40 10.04 -3.84
N TYR A 212 2.10 9.47 -4.99
CA TYR A 212 3.14 9.00 -5.90
C TYR A 212 4.12 10.13 -6.22
N PHE A 213 3.59 11.28 -6.64
CA PHE A 213 4.43 12.42 -7.01
C PHE A 213 5.13 13.03 -5.80
N LEU A 214 4.44 13.06 -4.66
CA LEU A 214 5.04 13.53 -3.42
C LEU A 214 6.23 12.65 -3.04
N THR A 215 6.10 11.36 -3.30
CA THR A 215 7.14 10.39 -2.95
C THR A 215 8.36 10.59 -3.86
N ILE A 216 8.11 10.76 -5.15
CA ILE A 216 9.18 11.03 -6.11
C ILE A 216 9.93 12.28 -5.67
N HIS A 217 9.19 13.33 -5.36
CA HIS A 217 9.77 14.60 -4.92
C HIS A 217 10.56 14.40 -3.63
N ALA A 218 9.98 13.68 -2.69
CA ALA A 218 10.61 13.44 -1.40
C ALA A 218 11.98 12.79 -1.56
N LEU A 219 12.04 11.73 -2.35
CA LEU A 219 13.30 11.02 -2.58
C LEU A 219 14.30 11.93 -3.28
N GLN A 220 13.86 12.57 -4.35
CA GLN A 220 14.71 13.51 -5.09
C GLN A 220 15.29 14.55 -4.14
N LYS A 221 14.47 15.03 -3.22
CA LYS A 221 14.90 16.04 -2.25
C LYS A 221 15.91 15.44 -1.28
N LYS A 222 15.63 14.22 -0.83
CA LYS A 222 16.49 13.54 0.13
C LYS A 222 17.89 13.36 -0.42
N ALA A 223 17.98 12.97 -1.68
CA ALA A 223 19.26 12.70 -2.33
C ALA A 223 20.14 13.95 -2.38
N ALA A 224 19.51 15.10 -2.56
CA ALA A 224 20.24 16.35 -2.73
C ALA A 224 20.97 16.79 -1.46
N ASP A 225 20.22 16.90 -0.37
CA ASP A 225 20.77 17.39 0.89
C ASP A 225 22.02 16.60 1.29
N LEU A 226 21.99 15.29 1.06
CA LEU A 226 23.12 14.44 1.38
C LEU A 226 24.35 14.83 0.58
N GLU A 227 24.16 15.04 -0.72
CA GLU A 227 25.27 15.43 -1.59
C GLU A 227 25.76 16.82 -1.20
N ASP A 228 24.84 17.65 -0.73
CA ASP A 228 25.19 19.00 -0.31
C ASP A 228 26.11 18.94 0.90
N ASN A 229 25.75 18.13 1.89
CA ASN A 229 26.56 17.97 3.09
C ASN A 229 27.88 17.27 2.80
N TRP A 230 27.85 16.30 1.89
CA TRP A 230 29.07 15.67 1.42
C TRP A 230 30.01 16.76 0.90
N GLU A 231 29.47 17.61 0.02
CA GLU A 231 30.25 18.69 -0.58
C GLU A 231 30.87 19.58 0.49
N THR A 232 30.07 19.97 1.48
CA THR A 232 30.54 20.85 2.54
C THR A 232 31.69 20.20 3.31
N LEU A 233 31.48 18.97 3.75
CA LEU A 233 32.52 18.23 4.47
C LEU A 233 33.79 18.13 3.64
N ASN A 234 33.66 17.63 2.42
CA ASN A 234 34.81 17.48 1.53
C ASN A 234 35.56 18.80 1.35
N ASP A 235 34.81 19.86 1.06
CA ASP A 235 35.41 21.18 0.85
C ASP A 235 36.22 21.62 2.07
N ASN A 236 35.60 21.55 3.24
CA ASN A 236 36.26 21.98 4.47
C ASN A 236 37.46 21.11 4.81
N LEU A 237 37.35 19.80 4.54
CA LEU A 237 38.47 18.90 4.76
C LEU A 237 39.61 19.24 3.80
N LYS A 238 39.29 19.58 2.57
CA LYS A 238 40.30 19.99 1.60
C LYS A 238 41.00 21.24 2.11
N VAL A 239 40.22 22.20 2.59
CA VAL A 239 40.76 23.44 3.15
C VAL A 239 41.71 23.13 4.31
N ILE A 240 41.29 22.22 5.18
CA ILE A 240 42.06 21.85 6.36
C ILE A 240 43.39 21.20 5.99
N GLU A 241 43.33 20.23 5.08
CA GLU A 241 44.50 19.41 4.76
C GLU A 241 45.59 20.21 4.05
N LYS A 242 45.24 21.38 3.52
CA LYS A 242 46.21 22.24 2.85
C LYS A 242 46.54 23.48 3.68
N ALA A 243 45.98 23.57 4.88
N ALA A 243 45.98 23.57 4.88
CA ALA A 243 46.19 24.72 5.75
C ALA A 243 47.62 24.79 6.24
N ASP A 244 48.18 25.99 6.26
CA ASP A 244 49.55 26.21 6.74
C ASP A 244 49.52 26.73 8.19
N ASN A 245 48.54 27.58 8.47
CA ASN A 245 48.43 28.20 9.80
C ASN A 245 47.24 27.64 10.58
N ALA A 246 47.08 28.12 11.82
CA ALA A 246 46.06 27.59 12.71
C ALA A 246 44.70 28.27 12.51
N ALA A 247 44.71 29.52 12.06
CA ALA A 247 43.47 30.26 11.86
C ALA A 247 42.58 29.57 10.82
N GLN A 248 43.19 29.11 9.73
CA GLN A 248 42.45 28.42 8.68
C GLN A 248 41.82 27.15 9.22
N VAL A 249 42.59 26.37 9.98
CA VAL A 249 42.10 25.13 10.57
C VAL A 249 40.91 25.42 11.47
N LYS A 250 41.08 26.38 12.37
CA LYS A 250 40.02 26.76 13.30
C LYS A 250 38.81 27.32 12.56
N ASP A 251 39.07 28.03 11.46
CA ASP A 251 38.01 28.66 10.69
C ASP A 251 37.19 27.63 9.92
N ALA A 252 37.88 26.62 9.37
CA ALA A 252 37.22 25.62 8.55
C ALA A 252 36.68 24.46 9.39
N LEU A 253 36.61 24.66 10.71
CA LEU A 253 36.15 23.62 11.62
C LEU A 253 34.77 23.97 12.18
N THR A 254 34.55 25.25 12.46
CA THR A 254 33.26 25.71 12.98
C THR A 254 32.17 25.50 11.95
N LYS A 255 32.54 25.64 10.67
CA LYS A 255 31.60 25.43 9.58
C LYS A 255 31.13 23.98 9.53
N MET A 256 32.05 23.05 9.81
CA MET A 256 31.70 21.64 9.83
C MET A 256 30.76 21.35 10.99
N ARG A 257 30.83 22.17 12.02
CA ARG A 257 29.97 22.01 13.20
C ARG A 257 28.60 22.60 12.93
N ALA A 258 27.91 22.05 11.94
CA ALA A 258 26.58 22.53 11.56
C ALA A 258 25.71 21.37 11.07
N LYS A 282 17.72 7.82 18.56
CA LYS A 282 18.84 7.41 19.39
C LYS A 282 20.08 7.17 18.53
N ASP A 283 19.93 6.32 17.52
CA ASP A 283 21.05 5.98 16.64
C ASP A 283 21.37 7.15 15.71
N PHE A 284 20.37 7.99 15.44
CA PHE A 284 20.55 9.14 14.58
C PHE A 284 21.43 10.19 15.26
N ARG A 285 21.11 10.50 16.51
CA ARG A 285 21.84 11.51 17.26
C ARG A 285 23.25 11.06 17.60
N HIS A 286 23.49 9.75 17.56
CA HIS A 286 24.79 9.19 17.89
C HIS A 286 25.86 9.71 16.92
N GLY A 287 25.56 9.61 15.63
CA GLY A 287 26.47 10.13 14.61
C GLY A 287 26.77 11.60 14.83
N PHE A 288 25.76 12.34 15.27
CA PHE A 288 25.92 13.76 15.55
C PHE A 288 26.87 13.97 16.72
N ASP A 289 26.63 13.26 17.81
CA ASP A 289 27.49 13.36 19.00
C ASP A 289 28.93 13.04 18.65
N ILE A 290 29.13 11.94 17.92
CA ILE A 290 30.46 11.52 17.52
C ILE A 290 31.16 12.60 16.69
N LEU A 291 30.52 13.02 15.61
CA LEU A 291 31.10 14.03 14.72
C LEU A 291 31.38 15.32 15.47
N VAL A 292 30.36 15.85 16.14
CA VAL A 292 30.51 17.08 16.91
C VAL A 292 31.62 16.94 17.94
N GLY A 293 31.68 15.77 18.57
CA GLY A 293 32.72 15.49 19.54
C GLY A 293 34.10 15.57 18.91
N GLN A 294 34.24 14.97 17.73
CA GLN A 294 35.49 14.97 17.01
C GLN A 294 35.86 16.38 16.54
N ILE A 295 34.86 17.13 16.10
CA ILE A 295 35.07 18.52 15.69
C ILE A 295 35.60 19.33 16.87
N ASP A 296 34.99 19.11 18.03
CA ASP A 296 35.40 19.79 19.25
C ASP A 296 36.81 19.34 19.67
N ASP A 297 37.09 18.06 19.49
CA ASP A 297 38.40 17.51 19.80
C ASP A 297 39.48 18.16 18.93
N ALA A 298 39.20 18.27 17.64
CA ALA A 298 40.13 18.88 16.70
C ALA A 298 40.23 20.38 16.94
N LEU A 299 39.10 20.99 17.30
CA LEU A 299 39.06 22.42 17.59
C LEU A 299 39.87 22.73 18.86
N LYS A 300 39.82 21.81 19.81
CA LYS A 300 40.57 21.97 21.06
C LYS A 300 42.06 22.00 20.74
N LEU A 301 42.48 21.22 19.75
CA LEU A 301 43.85 21.22 19.30
C LEU A 301 44.15 22.47 18.46
N ALA A 302 43.16 22.91 17.70
CA ALA A 302 43.29 24.12 16.90
C ALA A 302 43.51 25.34 17.81
N ASN A 303 42.84 25.34 18.95
CA ASN A 303 43.00 26.40 19.93
C ASN A 303 44.41 26.38 20.50
N GLU A 304 44.94 25.19 20.74
CA GLU A 304 46.30 25.02 21.25
C GLU A 304 47.30 25.63 20.29
N GLY A 305 47.00 25.56 19.00
CA GLY A 305 47.90 26.03 17.97
C GLY A 305 48.68 24.87 17.35
N LYS A 306 48.18 23.66 17.57
CA LYS A 306 48.82 22.46 17.03
C LYS A 306 48.17 22.02 15.72
N VAL A 307 48.52 22.71 14.64
CA VAL A 307 47.97 22.40 13.33
C VAL A 307 48.31 20.97 12.91
N LYS A 308 49.52 20.53 13.23
CA LYS A 308 49.96 19.19 12.87
C LYS A 308 49.05 18.14 13.51
N GLU A 309 48.57 18.45 14.71
CA GLU A 309 47.71 17.52 15.44
C GLU A 309 46.29 17.58 14.89
N ALA A 310 45.83 18.79 14.57
CA ALA A 310 44.48 19.00 14.08
C ALA A 310 44.29 18.35 12.71
N GLN A 311 45.23 18.59 11.81
CA GLN A 311 45.17 18.01 10.46
C GLN A 311 45.18 16.48 10.53
N ALA A 312 45.82 15.94 11.55
CA ALA A 312 45.85 14.50 11.74
C ALA A 312 44.52 14.02 12.30
N ALA A 313 43.93 14.82 13.18
CA ALA A 313 42.62 14.51 13.76
C ALA A 313 41.55 14.60 12.68
N ALA A 314 41.75 15.49 11.72
CA ALA A 314 40.81 15.67 10.63
C ALA A 314 40.83 14.47 9.68
N GLU A 315 41.98 13.80 9.62
CA GLU A 315 42.15 12.63 8.76
C GLU A 315 41.26 11.48 9.24
N GLN A 316 41.08 11.39 10.55
CA GLN A 316 40.23 10.36 11.14
C GLN A 316 38.77 10.58 10.78
N LEU A 317 38.42 11.82 10.45
CA LEU A 317 37.04 12.18 10.13
C LEU A 317 36.60 11.60 8.78
N LYS A 318 37.56 11.24 7.94
CA LYS A 318 37.24 10.65 6.65
C LYS A 318 36.62 9.27 6.83
N THR A 319 37.29 8.42 7.60
CA THR A 319 36.79 7.08 7.89
C THR A 319 35.50 7.14 8.70
N THR A 320 35.21 8.30 9.28
CA THR A 320 34.00 8.49 10.06
C THR A 320 32.83 8.89 9.16
N ARG A 321 33.05 9.85 8.26
CA ARG A 321 32.02 10.29 7.34
C ARG A 321 31.68 9.18 6.35
N ASN A 322 32.70 8.45 5.93
CA ASN A 322 32.51 7.35 4.99
C ASN A 322 31.63 6.25 5.58
N ALA A 323 31.52 6.24 6.91
CA ALA A 323 30.73 5.21 7.59
C ALA A 323 29.25 5.59 7.64
N TYR A 324 28.97 6.88 7.73
CA TYR A 324 27.59 7.36 7.86
C TYR A 324 26.99 7.78 6.52
N ILE A 325 27.83 8.34 5.65
CA ILE A 325 27.38 8.69 4.31
C ILE A 325 27.05 7.43 3.51
N GLN A 326 27.87 6.40 3.69
CA GLN A 326 27.68 5.13 2.99
C GLN A 326 26.48 4.37 3.55
N LYS A 327 26.07 4.73 4.76
CA LYS A 327 24.90 4.12 5.39
C LYS A 327 23.64 4.87 4.99
N TYR A 328 23.70 6.19 5.05
CA TYR A 328 22.55 7.04 4.73
C TYR A 328 22.23 6.98 3.25
N LEU A 329 23.28 6.87 2.43
CA LEU A 329 23.13 6.79 0.99
C LEU A 329 22.58 5.43 0.59
N GLN A 330 22.65 4.47 1.52
CA GLN A 330 22.22 3.11 1.24
C GLN A 330 20.73 2.92 1.53
N THR A 331 20.20 3.69 2.47
CA THR A 331 18.80 3.59 2.84
C THR A 331 17.89 4.09 1.73
N ILE A 332 18.27 5.21 1.12
CA ILE A 332 17.46 5.80 0.05
C ILE A 332 17.35 4.86 -1.14
N SER A 333 18.39 4.07 -1.37
CA SER A 333 18.38 3.08 -2.45
C SER A 333 17.29 2.05 -2.21
N ASN A 334 17.23 1.53 -0.99
CA ASN A 334 16.21 0.56 -0.61
C ASN A 334 14.82 1.19 -0.66
N GLU A 335 14.72 2.42 -0.16
CA GLU A 335 13.46 3.14 -0.20
C GLU A 335 12.99 3.32 -1.63
N GLN A 336 13.93 3.60 -2.52
CA GLN A 336 13.62 3.83 -3.93
C GLN A 336 13.16 2.52 -4.58
N ARG A 337 13.89 1.45 -4.34
CA ARG A 337 13.52 0.14 -4.89
C ARG A 337 12.15 -0.26 -4.40
N ALA A 338 11.94 -0.14 -3.09
CA ALA A 338 10.67 -0.51 -2.47
C ALA A 338 9.53 0.31 -3.07
N SER A 339 9.71 1.63 -3.13
CA SER A 339 8.67 2.52 -3.64
C SER A 339 8.36 2.21 -5.10
N LYS A 340 9.36 1.75 -5.85
CA LYS A 340 9.15 1.39 -7.24
C LYS A 340 8.28 0.13 -7.33
N VAL A 341 8.62 -0.87 -6.53
CA VAL A 341 7.86 -2.11 -6.50
C VAL A 341 6.42 -1.83 -6.11
N LEU A 342 6.22 -1.10 -5.01
CA LEU A 342 4.89 -0.77 -4.55
C LEU A 342 4.14 0.00 -5.63
N GLY A 343 4.83 0.89 -6.31
CA GLY A 343 4.23 1.67 -7.38
C GLY A 343 3.68 0.78 -8.48
N ILE A 344 4.53 -0.11 -9.00
CA ILE A 344 4.13 -1.02 -10.06
C ILE A 344 2.98 -1.91 -9.61
N VAL A 345 3.15 -2.58 -8.49
CA VAL A 345 2.15 -3.50 -7.98
C VAL A 345 0.81 -2.80 -7.76
N PHE A 346 0.83 -1.69 -7.03
CA PHE A 346 -0.39 -0.95 -6.75
C PHE A 346 -1.03 -0.42 -8.04
N PHE A 347 -0.19 -0.03 -9.00
CA PHE A 347 -0.69 0.43 -10.29
C PHE A 347 -1.46 -0.67 -11.01
N LEU A 348 -0.90 -1.88 -11.01
CA LEU A 348 -1.57 -3.03 -11.62
C LEU A 348 -2.92 -3.28 -10.95
N PHE A 349 -2.95 -3.20 -9.62
CA PHE A 349 -4.18 -3.36 -8.86
C PHE A 349 -5.22 -2.35 -9.31
N LEU A 350 -4.82 -1.08 -9.36
CA LEU A 350 -5.71 0.00 -9.75
C LEU A 350 -6.15 -0.17 -11.20
N LEU A 351 -5.24 -0.66 -12.04
CA LEU A 351 -5.50 -0.83 -13.46
C LEU A 351 -6.61 -1.87 -13.72
N MET A 352 -6.57 -2.95 -12.96
CA MET A 352 -7.51 -4.06 -13.16
C MET A 352 -8.91 -3.74 -12.65
N TRP A 353 -9.08 -2.57 -12.03
CA TRP A 353 -10.39 -2.16 -11.52
C TRP A 353 -11.06 -1.10 -12.40
N CYS A 354 -10.31 -0.56 -13.36
CA CYS A 354 -10.82 0.51 -14.21
C CYS A 354 -12.02 0.08 -15.07
N PRO A 355 -11.91 -1.07 -15.74
CA PRO A 355 -12.99 -1.49 -16.64
C PRO A 355 -14.36 -1.43 -15.97
N PHE A 356 -14.43 -1.84 -14.70
CA PHE A 356 -15.69 -1.85 -13.97
C PHE A 356 -16.24 -0.45 -13.75
N PHE A 357 -15.51 0.36 -12.99
CA PHE A 357 -16.00 1.68 -12.57
C PHE A 357 -16.23 2.64 -13.74
N ILE A 358 -15.41 2.53 -14.78
CA ILE A 358 -15.60 3.37 -15.96
C ILE A 358 -16.87 2.96 -16.70
N THR A 359 -16.99 1.66 -16.96
CA THR A 359 -18.18 1.13 -17.61
C THR A 359 -19.40 1.36 -16.72
N ASN A 360 -19.17 1.37 -15.41
CA ASN A 360 -20.23 1.58 -14.44
C ASN A 360 -20.83 2.97 -14.62
N ILE A 361 -19.98 4.00 -14.58
CA ILE A 361 -20.44 5.38 -14.73
C ILE A 361 -21.00 5.62 -16.14
N THR A 362 -20.45 4.91 -17.12
CA THR A 362 -20.88 5.06 -18.51
C THR A 362 -22.29 4.49 -18.68
N LEU A 363 -22.54 3.35 -18.06
CA LEU A 363 -23.85 2.71 -18.13
C LEU A 363 -24.91 3.58 -17.48
N VAL A 364 -24.49 4.46 -16.58
CA VAL A 364 -25.40 5.38 -15.91
C VAL A 364 -25.65 6.62 -16.75
N LEU A 365 -24.58 7.19 -17.30
CA LEU A 365 -24.66 8.47 -18.00
C LEU A 365 -25.00 8.33 -19.47
N CYS A 366 -24.39 7.37 -20.15
CA CYS A 366 -24.59 7.21 -21.58
C CYS A 366 -25.96 6.63 -21.90
N ASP A 367 -26.83 7.47 -22.44
CA ASP A 367 -28.19 7.06 -22.79
C ASP A 367 -28.22 6.36 -24.15
N SER A 368 -27.30 6.75 -25.03
CA SER A 368 -27.27 6.22 -26.39
C SER A 368 -26.53 4.88 -26.50
N CYS A 369 -25.79 4.52 -25.45
CA CYS A 369 -25.03 3.27 -25.45
C CYS A 369 -25.92 2.06 -25.30
N ASN A 370 -25.54 0.96 -25.94
CA ASN A 370 -26.25 -0.29 -25.82
C ASN A 370 -26.05 -0.88 -24.43
N GLN A 371 -27.12 -0.93 -23.64
CA GLN A 371 -27.03 -1.36 -22.26
C GLN A 371 -26.78 -2.85 -22.12
N THR A 372 -27.28 -3.64 -23.09
CA THR A 372 -27.11 -5.08 -23.04
C THR A 372 -25.62 -5.44 -23.06
N THR A 373 -24.90 -4.88 -24.02
CA THR A 373 -23.46 -5.13 -24.13
C THR A 373 -22.72 -4.59 -22.93
N LEU A 374 -23.12 -3.40 -22.46
CA LEU A 374 -22.49 -2.79 -21.31
C LEU A 374 -22.63 -3.68 -20.07
N GLN A 375 -23.80 -4.26 -19.89
CA GLN A 375 -24.02 -5.19 -18.78
C GLN A 375 -23.18 -6.44 -18.97
N MET A 376 -23.21 -6.99 -20.18
CA MET A 376 -22.44 -8.18 -20.50
C MET A 376 -20.97 -7.94 -20.18
N LEU A 377 -20.50 -6.73 -20.44
CA LEU A 377 -19.12 -6.37 -20.14
C LEU A 377 -18.92 -6.28 -18.63
N LEU A 378 -19.83 -5.59 -17.95
CA LEU A 378 -19.76 -5.42 -16.52
C LEU A 378 -19.65 -6.77 -15.81
N GLU A 379 -20.40 -7.76 -16.28
CA GLU A 379 -20.42 -9.07 -15.64
C GLU A 379 -19.04 -9.73 -15.69
N ILE A 380 -18.23 -9.32 -16.67
CA ILE A 380 -16.87 -9.82 -16.78
C ILE A 380 -15.94 -8.95 -15.93
N PHE A 381 -16.08 -7.64 -16.08
CA PHE A 381 -15.21 -6.69 -15.38
C PHE A 381 -15.33 -6.85 -13.86
N VAL A 382 -16.49 -7.29 -13.40
CA VAL A 382 -16.67 -7.57 -11.98
C VAL A 382 -15.66 -8.63 -11.53
N TRP A 383 -15.55 -9.70 -12.31
CA TRP A 383 -14.66 -10.80 -11.98
C TRP A 383 -13.19 -10.43 -12.15
N ILE A 384 -12.89 -9.61 -13.14
CA ILE A 384 -11.54 -9.08 -13.30
C ILE A 384 -11.16 -8.29 -12.04
N GLY A 385 -12.13 -7.60 -11.48
CA GLY A 385 -11.94 -6.87 -10.24
C GLY A 385 -11.74 -7.81 -9.08
N TYR A 386 -12.56 -8.87 -9.03
CA TYR A 386 -12.44 -9.87 -7.98
C TYR A 386 -11.03 -10.48 -7.97
N VAL A 387 -10.53 -10.81 -9.16
CA VAL A 387 -9.17 -11.31 -9.30
C VAL A 387 -8.17 -10.30 -8.74
N SER A 388 -8.30 -9.05 -9.20
CA SER A 388 -7.40 -7.98 -8.79
C SER A 388 -7.26 -7.93 -7.27
N SER A 389 -8.39 -7.76 -6.58
CA SER A 389 -8.38 -7.68 -5.13
C SER A 389 -8.03 -9.03 -4.51
N GLY A 390 -8.37 -10.10 -5.22
CA GLY A 390 -8.17 -11.43 -4.72
C GLY A 390 -6.72 -11.80 -4.45
N VAL A 391 -5.86 -11.59 -5.45
CA VAL A 391 -4.47 -12.03 -5.36
C VAL A 391 -3.48 -10.90 -5.11
N ASN A 392 -3.98 -9.75 -4.68
CA ASN A 392 -3.12 -8.58 -4.50
C ASN A 392 -2.11 -8.73 -3.35
N PRO A 393 -2.60 -8.98 -2.13
CA PRO A 393 -1.69 -9.10 -0.99
C PRO A 393 -0.54 -10.10 -1.23
N LEU A 394 -0.86 -11.24 -1.85
CA LEU A 394 0.15 -12.25 -2.11
C LEU A 394 1.23 -11.74 -3.04
N VAL A 395 0.82 -11.21 -4.20
CA VAL A 395 1.76 -10.65 -5.17
C VAL A 395 2.69 -9.65 -4.50
N TYR A 396 2.11 -8.81 -3.66
CA TYR A 396 2.87 -7.78 -2.95
C TYR A 396 3.89 -8.39 -2.01
N THR A 397 3.43 -9.25 -1.12
CA THR A 397 4.30 -9.86 -0.11
C THR A 397 5.31 -10.85 -0.69
N LEU A 398 5.08 -11.29 -1.93
CA LEU A 398 6.01 -12.22 -2.57
C LEU A 398 7.35 -11.56 -2.87
N PHE A 399 7.42 -10.24 -2.71
CA PHE A 399 8.68 -9.52 -2.91
C PHE A 399 9.49 -9.41 -1.62
N ASN A 400 8.97 -10.00 -0.54
CA ASN A 400 9.68 -10.02 0.73
C ASN A 400 10.22 -11.42 1.02
N LYS A 401 11.52 -11.51 1.28
CA LYS A 401 12.17 -12.80 1.51
C LYS A 401 11.53 -13.57 2.66
N THR A 402 11.23 -12.86 3.75
CA THR A 402 10.66 -13.50 4.93
C THR A 402 9.30 -14.11 4.60
N PHE A 403 8.41 -13.30 4.04
CA PHE A 403 7.10 -13.79 3.60
C PHE A 403 7.26 -14.96 2.63
N ARG A 404 8.08 -14.75 1.61
CA ARG A 404 8.26 -15.74 0.55
C ARG A 404 8.76 -17.08 1.09
N ASP A 405 9.75 -17.02 1.98
CA ASP A 405 10.28 -18.23 2.58
C ASP A 405 9.20 -18.91 3.43
N ALA A 406 8.49 -18.10 4.21
CA ALA A 406 7.40 -18.62 5.04
C ALA A 406 6.40 -19.37 4.16
N PHE A 407 5.98 -18.73 3.07
CA PHE A 407 5.07 -19.36 2.13
C PHE A 407 5.62 -20.70 1.68
N GLY A 408 6.86 -20.70 1.20
CA GLY A 408 7.51 -21.90 0.71
C GLY A 408 7.47 -23.02 1.74
N ARG A 409 7.55 -22.65 3.01
CA ARG A 409 7.50 -23.62 4.11
C ARG A 409 6.06 -24.06 4.37
N TYR A 410 5.12 -23.15 4.15
CA TYR A 410 3.71 -23.42 4.42
C TYR A 410 3.07 -24.30 3.35
N ILE A 411 3.48 -24.14 2.10
CA ILE A 411 2.91 -24.92 1.00
C ILE A 411 3.27 -26.40 1.14
N THR A 412 4.41 -26.68 1.76
CA THR A 412 4.80 -28.07 2.05
C THR A 412 4.24 -28.51 3.39
N CYS A 413 3.45 -27.65 4.01
CA CYS A 413 2.75 -27.97 5.26
C CYS A 413 3.73 -28.31 6.39
N ASN A 414 4.51 -27.32 6.79
CA ASN A 414 5.46 -27.48 7.89
C ASN A 414 5.08 -26.61 9.10
N TYR A 415 4.96 -25.31 8.87
CA TYR A 415 4.53 -24.37 9.90
C TYR A 415 5.50 -24.31 11.08
N ARG A 416 6.75 -24.71 10.84
CA ARG A 416 7.76 -24.70 11.89
C ARG A 416 8.82 -23.66 11.62
C1 PLM B . 0.81 -29.88 2.32
O1 PLM B . 1.80 -30.65 2.24
C2 PLM B . 0.10 -29.56 1.02
C3 PLM B . -1.34 -30.08 1.06
C4 PLM B . -1.97 -30.04 -0.33
C5 PLM B . -3.45 -30.38 -0.29
C6 PLM B . -4.09 -30.29 -1.67
C7 PLM B . -5.62 -30.34 -1.60
C8 PLM B . -6.26 -30.21 -2.98
C9 PLM B . -7.76 -29.94 -2.88
CA PLM B . -8.44 -29.85 -4.24
CB PLM B . -9.45 -28.72 -4.28
CC PLM B . -10.57 -28.95 -5.29
CD PLM B . -10.15 -28.61 -6.71
CE PLM B . -11.21 -27.75 -7.39
CF PLM B . -11.23 -27.98 -8.90
CG PLM B . -12.11 -26.96 -9.60
C1 ERM C . -17.11 -1.11 -4.49
N1 ERM C . -17.61 0.15 -4.46
O1 ERM C . -22.41 -4.70 -9.74
C10 ERM C . -21.04 -0.48 -6.63
C11 ERM C . -20.86 0.84 -6.19
C12 ERM C . -19.70 1.18 -5.43
C13 ERM C . -18.82 0.21 -5.16
C14 ERM C . -19.01 -1.10 -5.60
C15 ERM C . -17.69 -5.67 -7.52
C16 ERM C . -22.45 -5.24 -8.67
C17 ERM C . -24.49 -6.42 -9.38
C18 ERM C . -25.18 -5.17 -9.87
C19 ERM C . -25.36 -4.03 -12.00
N2 ERM C . -18.98 -5.06 -7.11
C2 ERM C . -17.94 -1.93 -5.19
O2 ERM C . -23.93 -6.97 -10.57
C20 ERM C . -25.48 -4.50 -13.44
C21 ERM C . -25.25 -6.31 -15.11
C22 ERM C . -24.04 -7.21 -15.18
C23 ERM C . -23.81 -7.72 -13.74
C24 ERM C . -24.73 -6.80 -12.91
C25 ERM C . -24.06 -6.14 -11.73
C26 ERM C . -25.45 -7.35 -8.67
C27 ERM C . -24.43 -2.85 -11.91
C28 ERM C . -25.17 -1.55 -12.10
C29 ERM C . -26.21 -1.20 -11.24
C3 ERM C . -17.94 -3.39 -5.55
N3 ERM C . -23.45 -6.11 -8.39
O3 ERM C . -25.86 -4.41 -9.21
C30 ERM C . -26.89 0.01 -11.43
C31 ERM C . -26.53 0.86 -12.47
C32 ERM C . -25.49 0.51 -13.33
C33 ERM C . -24.81 -0.70 -13.15
C4 ERM C . -18.83 -3.59 -6.83
N4 ERM C . -24.89 -5.10 -11.17
O4 ERM C . -25.86 -3.71 -14.31
C5 ERM C . -20.01 -5.37 -8.16
N5 ERM C . -25.18 -5.74 -13.78
O5 ERM C . -22.83 -5.60 -12.10
C6 ERM C . -21.35 -4.94 -7.62
C7 ERM C . -21.31 -3.50 -7.18
C8 ERM C . -20.19 -2.93 -6.75
C9 ERM C . -20.13 -1.48 -6.35
C1 CLR D . -3.87 -23.72 3.50
C2 CLR D . -2.54 -23.94 4.24
C3 CLR D . -1.51 -24.82 3.53
C4 CLR D . -1.33 -24.36 2.09
C5 CLR D . -2.67 -24.56 1.42
C6 CLR D . -2.76 -25.39 0.42
C7 CLR D . -4.04 -25.67 -0.32
C8 CLR D . -5.08 -24.59 -0.08
C9 CLR D . -5.16 -24.29 1.43
C10 CLR D . -3.83 -23.77 1.95
C11 CLR D . -6.27 -23.31 1.77
C12 CLR D . -7.64 -23.80 1.26
C13 CLR D . -7.57 -24.10 -0.23
C14 CLR D . -6.42 -25.14 -0.48
C15 CLR D . -6.59 -25.43 -1.98
C16 CLR D . -8.13 -25.43 -2.19
C17 CLR D . -8.73 -24.86 -0.88
C18 CLR D . -7.20 -22.85 -1.06
C19 CLR D . -3.63 -22.34 1.45
C20 CLR D . -9.93 -24.02 -1.29
C21 CLR D . -10.32 -22.99 -0.23
C22 CLR D . -11.11 -24.98 -1.37
C23 CLR D . -12.12 -24.51 -2.42
C24 CLR D . -13.08 -25.66 -2.75
C25 CLR D . -14.40 -25.15 -3.33
C26 CLR D . -15.11 -26.31 -4.04
C27 CLR D . -14.15 -24.04 -4.35
O1 CLR D . -0.25 -24.74 4.18
C10 OLC E . -1.83 9.31 -14.69
C9 OLC E . -0.67 9.22 -13.92
C11 OLC E . -3.11 8.70 -14.18
C8 OLC E . -0.44 8.01 -12.99
C24 OLC E . 4.20 5.53 -2.74
C12 OLC E . -3.14 7.20 -14.48
C7 OLC E . 0.84 8.20 -12.19
C6 OLC E . 1.15 6.86 -11.43
C5 OLC E . 0.20 6.69 -10.23
C4 OLC E . 0.28 5.21 -9.73
C3 OLC E . -0.14 5.16 -8.25
C2 OLC E . 0.50 3.95 -7.57
C21 OLC E . 2.36 5.06 -4.36
C1 OLC E . 0.83 4.31 -6.08
C22 OLC E . 3.74 5.70 -4.17
O19 OLC E . 0.09 3.97 -5.17
O25 OLC E . 5.32 4.69 -2.70
O23 OLC E . 4.65 5.09 -5.05
O20 OLC E . 2.06 5.00 -5.77
C9 OLC F . -11.92 -29.18 0.96
C8 OLC F . -10.39 -29.06 0.69
C24 OLC F . -2.19 -28.57 10.33
C7 OLC F . -9.68 -28.47 1.91
C6 OLC F . -8.14 -28.50 1.66
C5 OLC F . -7.38 -27.97 2.89
C4 OLC F . -5.84 -27.98 2.59
C3 OLC F . -5.06 -27.25 3.69
C2 OLC F . -5.52 -27.74 5.07
C21 OLC F . -3.13 -27.94 8.13
C1 OLC F . -4.25 -27.82 6.00
C22 OLC F . -3.30 -28.84 9.34
O19 OLC F . -3.15 -27.99 5.49
O25 OLC F . -2.68 -28.72 11.64
O23 OLC F . -4.54 -28.58 9.94
O20 OLC F . -4.38 -27.84 7.42
C1 PEG G . 6.77 -5.67 -0.15
O1 PEG G . 7.95 -4.99 -0.18
C2 PEG G . 6.62 -6.36 1.16
O2 PEG G . 5.98 -5.51 2.11
C3 PEG G . 6.23 -5.86 3.48
C4 PEG G . 7.58 -5.36 3.92
O4 PEG G . 7.85 -5.80 5.23
C18 OLC H . -22.58 -20.93 -0.04
C10 OLC H . -15.89 -23.55 0.86
C9 OLC H . -14.82 -24.10 1.54
C17 OLC H . -22.78 -20.08 1.22
C11 OLC H . -16.34 -22.15 1.17
C8 OLC H . -14.50 -23.63 2.99
C24 OLC H . -5.99 -18.90 11.26
C16 OLC H . -21.65 -19.06 1.40
C12 OLC H . -17.83 -22.02 0.86
C7 OLC H . -13.04 -23.90 3.30
C15 OLC H . -20.52 -19.64 2.26
C13 OLC H . -18.45 -21.10 1.91
C6 OLC H . -12.68 -23.14 4.61
C14 OLC H . -19.91 -20.86 1.50
C5 OLC H . -11.28 -22.53 4.49
C4 OLC H . -11.13 -21.38 5.53
C3 OLC H . -9.63 -21.03 5.68
C2 OLC H . -9.45 -20.08 6.86
C21 OLC H . -7.36 -18.79 9.21
C1 OLC H . -8.00 -20.27 7.44
C22 OLC H . -5.97 -18.55 9.80
O19 OLC H . -7.73 -21.34 7.95
O25 OLC H . -5.14 -18.02 11.96
O23 OLC H . -5.04 -19.36 9.15
O20 OLC H . -7.22 -19.12 7.81
C10 OLC I . -17.23 8.93 4.60
C9 OLC I . -17.91 9.11 3.40
C11 OLC I . -17.78 8.02 5.66
C8 OLC I . -19.18 8.28 3.12
C24 OLC I . -30.38 8.39 -4.00
C12 OLC I . -16.95 8.15 6.94
C7 OLC I . -19.91 8.91 1.93
C6 OLC I . -21.16 8.03 1.56
C5 OLC I . -21.39 8.15 0.04
C4 OLC I . -22.61 7.26 -0.38
C3 OLC I . -23.76 8.17 -0.86
C2 OLC I . -24.68 7.38 -1.80
C21 OLC I . -28.27 8.38 -2.69
C1 OLC I . -25.93 8.26 -2.20
C22 OLC I . -29.43 7.54 -3.20
O19 OLC I . -26.09 9.35 -1.67
O25 OLC I . -29.65 9.25 -4.83
O23 OLC I . -28.92 6.54 -4.04
O20 OLC I . -27.02 7.68 -2.91
C TRS J . -30.45 11.42 -11.21
C1 TRS J . -30.51 12.89 -11.63
C2 TRS J . -29.41 10.67 -12.04
C3 TRS J . -31.82 10.78 -11.38
N TRS J . -30.12 11.36 -9.78
O1 TRS J . -31.24 13.01 -12.84
O2 TRS J . -28.07 10.98 -11.66
O3 TRS J . -31.75 9.42 -11.01
C1 OLA K . -7.07 -7.10 12.42
C2 OLA K . -8.02 -7.46 11.30
C3 OLA K . -9.20 -6.52 11.31
C4 OLA K . -10.48 -7.21 10.87
C5 OLA K . -11.67 -6.27 10.96
C6 OLA K . -13.00 -7.02 10.97
C7 OLA K . -13.88 -6.57 9.80
C8 OLA K . -15.36 -6.70 10.14
C9 OLA K . -16.15 -5.70 9.33
C10 OLA K . -17.47 -5.25 9.78
C1 OLA L . -18.25 -14.83 -21.86
O1 OLA L . -19.34 -14.68 -22.44
O2 OLA L . -17.18 -14.61 -22.48
C2 OLA L . -18.20 -15.25 -20.41
C3 OLA L . -19.55 -14.97 -19.73
C4 OLA L . -19.50 -15.34 -18.24
C5 OLA L . -18.82 -14.25 -17.42
C6 OLA L . -17.58 -14.79 -16.70
C7 OLA L . -16.35 -14.61 -17.57
C8 OLA L . -15.08 -14.56 -16.73
C9 OLA L . -13.98 -13.93 -17.55
C10 OLA L . -12.59 -13.92 -17.09
C11 OLA L . -12.27 -13.99 -15.62
C12 OLA L . -10.78 -13.70 -15.41
C13 OLA L . -10.08 -14.87 -14.71
C14 OLA L . -8.67 -15.03 -15.25
C15 OLA L . -7.74 -15.65 -14.21
C16 OLA L . -6.63 -14.67 -13.82
C17 OLA L . -5.29 -15.39 -13.68
C18 OLA L . -4.73 -15.27 -12.27
C1 OLA M . -25.22 11.07 1.72
O1 OLA M . -25.91 11.55 0.79
O2 OLA M . -25.21 9.84 1.90
C2 OLA M . -24.42 11.97 2.62
C3 OLA M . -23.02 12.18 2.04
C4 OLA M . -22.19 13.12 2.90
C5 OLA M . -21.06 13.72 2.07
C6 OLA M . -19.77 12.92 2.21
C7 OLA M . -18.57 13.84 2.43
C8 OLA M . -17.76 13.42 3.64
C9 OLA M . -17.82 14.47 4.72
C10 OLA M . -16.67 14.62 5.64
C11 OLA M . -15.76 13.43 5.87
C12 OLA M . -14.47 13.91 6.55
C13 OLA M . -14.66 14.07 8.04
C14 OLA M . -13.36 13.78 8.80
C15 OLA M . -12.76 15.04 9.40
C16 OLA M . -11.68 15.64 8.50
C17 OLA M . -10.70 16.47 9.32
CA1 DGA N . 5.37 19.66 -1.03
CA2 DGA N . 4.24 18.77 -0.52
CA3 DGA N . 3.43 19.51 0.54
CA4 DGA N . 2.47 18.52 1.22
CA5 DGA N . 1.03 18.81 0.75
OA1 DGA N . 6.35 19.87 -0.33
CB1 DGA N . 5.22 18.46 -5.92
CB2 DGA N . 3.91 18.58 -6.71
CB3 DGA N . 2.97 17.43 -6.34
CB4 DGA N . 1.52 17.84 -6.67
CB5 DGA N . 1.05 17.11 -7.92
CB6 DGA N . -0.39 17.52 -8.25
CB7 DGA N . -1.22 16.28 -8.51
CB8 DGA N . -2.50 16.65 -9.24
CB9 DGA N . -3.70 16.04 -8.51
CAB DGA N . -4.53 15.20 -9.49
CBB DGA N . -5.72 14.62 -8.75
CCB DGA N . -7.01 14.87 -9.56
CDB DGA N . -7.36 16.36 -9.48
OB1 DGA N . 6.22 18.05 -6.49
OG1 DGA N . 5.39 20.04 -2.38
CG1 DGA N . 6.68 20.06 -2.95
CG2 DGA N . 6.59 19.67 -4.41
OG2 DGA N . 5.33 19.07 -4.66
CG3 DGA N . 6.74 20.89 -5.27
OXT DGA N . 8.09 21.28 -5.32
CA1 DGA O . 8.75 14.81 -13.23
CA2 DGA O . 8.49 15.77 -14.39
CA3 DGA O . 6.98 15.95 -14.59
CA4 DGA O . 6.29 14.61 -14.87
CA5 DGA O . 4.76 14.81 -14.90
CA6 DGA O . 4.23 14.69 -16.33
CA7 DGA O . 2.75 15.03 -16.34
CA8 DGA O . 2.55 16.45 -16.85
OA1 DGA O . 8.79 13.61 -13.43
CB1 DGA O . 5.85 17.59 -11.26
CB2 DGA O . 4.48 17.36 -11.88
CB3 DGA O . 3.48 16.96 -10.80
CB4 DGA O . 2.06 17.01 -11.37
OB1 DGA O . 6.72 18.13 -11.93
OG1 DGA O . 8.85 15.31 -11.91
CG1 DGA O . 7.64 15.25 -11.20
CG2 DGA O . 7.57 16.36 -10.17
OG2 DGA O . 6.24 16.85 -10.12
CG3 DGA O . 7.96 15.81 -8.83
OXT DGA O . 8.81 16.71 -8.16
#